data_5W77
#
_entry.id   5W77
#
loop_
_entity.id
_entity.type
_entity.pdbx_description
1 polymer "DNA (5'-D(*TP*GP*AP*GP*GP*GP*TP*GP*GP*GP*TP*AP*GP*GP*GP*TP*GP*GP*GP*TP*AP*A)-3')"
2 non-polymer 'POTASSIUM ION'
3 non-polymer 4-[(azepan-1-yl)methyl]-5-hydroxy-2-methyl-N-[4-(trifluoromethyl)phenyl]-1-benzofuran-3-carboxamide
#
_entity_poly.entity_id   1
_entity_poly.type   'polydeoxyribonucleotide'
_entity_poly.pdbx_seq_one_letter_code
;(DT)(DG)(DA)(DG)(DG)(DG)(DT)(DG)(DG)(DG)(DT)(DA)(DG)(DG)(DG)(DT)(DG)(DG)(DG)(DT)
(DA)(DA)
;
_entity_poly.pdbx_strand_id   A
#
loop_
_chem_comp.id
_chem_comp.type
_chem_comp.name
_chem_comp.formula
9WP non-polymer 4-[(azepan-1-yl)methyl]-5-hydroxy-2-methyl-N-[4-(trifluoromethyl)phenyl]-1-benzofuran-3-carboxamide 'C24 H25 F3 N2 O3'
DA DNA linking 2'-DEOXYADENOSINE-5'-MONOPHOSPHATE 'C10 H14 N5 O6 P'
DG DNA linking 2'-DEOXYGUANOSINE-5'-MONOPHOSPHATE 'C10 H14 N5 O7 P'
DT DNA linking THYMIDINE-5'-MONOPHOSPHATE 'C10 H15 N2 O8 P'
K non-polymer 'POTASSIUM ION' 'K 1'
#
# COMPACT_ATOMS: atom_id res chain seq x y z
K K B . -1.45 -0.73 1.83
K K C . 0.36 -1.84 -0.99
C1 9WP D . -1.60 1.50 6.94
N1 9WP D . -6.90 0.33 4.42
O1 9WP D . -1.53 4.87 5.55
C2 9WP D . -1.22 2.80 6.63
N2 9WP D . -5.03 4.80 4.87
O2 9WP D . -3.29 -0.21 6.58
C3 9WP D . -1.98 3.60 5.78
O3 9WP D . -5.63 1.76 3.21
C4 9WP D . -3.17 3.12 5.17
C5 9WP D . -3.91 4.08 4.23
C6 9WP D . -4.40 -0.31 5.81
C7 9WP D . -4.69 0.89 5.13
C8 9WP D . -3.59 1.79 5.48
C9 9WP D . -2.79 1.03 6.37
C10 9WP D . -5.77 1.04 4.18
C11 9WP D . -10.24 0.15 1.86
C12 9WP D . -9.55 1.36 2.02
C13 9WP D . -8.47 1.45 2.88
C14 9WP D . -8.03 0.31 3.58
C15 9WP D . -8.73 -0.90 3.45
C16 9WP D . -9.82 -0.98 2.59
C17 9WP D . -11.39 0.07 0.87
C18 9WP D . -5.06 -1.67 5.87
C19 9WP D . -4.56 6.03 5.54
C20 9WP D . -5.65 6.93 6.14
C21 9WP D . -6.32 7.93 5.16
C22 9WP D . -7.15 7.33 4.00
C23 9WP D . -6.48 6.19 3.22
C24 9WP D . -6.25 4.90 4.04
F1 9WP D . -12.02 -1.11 0.65
F2 9WP D . -12.38 0.91 1.26
F3 9WP D . -11.02 0.45 -0.38
H11 9WP D . -1.00 0.88 7.59
H17 9WP D . -6.90 -0.30 5.21
H14 9WP D . -0.74 5.08 6.05
H2 9WP D . -0.31 3.19 7.05
H51 9WP D . -4.20 3.63 3.31
H52 9WP D . -3.18 4.82 3.89
H12 9WP D . -9.85 2.25 1.49
H13 9WP D . -7.98 2.40 2.99
H15 9WP D . -8.41 -1.79 3.98
H16 9WP D . -10.31 -1.94 2.51
H54 9WP D . -5.88 -1.78 5.16
H18 9WP D . -5.46 -1.88 6.87
H53 9WP D . -4.36 -2.46 5.63
H19 9WP D . -3.91 6.59 4.86
H55 9WP D . -3.92 5.75 6.38
H20 9WP D . -5.22 7.52 6.96
H56 9WP D . -6.41 6.31 6.60
H21 9WP D . -5.57 8.58 4.73
H57 9WP D . -6.97 8.59 5.75
H58 9WP D . -8.10 6.97 4.41
H22 9WP D . -7.42 8.13 3.31
H59 9WP D . -7.03 5.97 2.31
H23 9WP D . -5.49 6.53 2.89
H24 9WP D . -7.12 4.81 4.70
H6A 9WP D . -6.29 4.04 3.37
C1 9WP E . 3.72 1.47 -6.77
N1 9WP E . 3.98 -4.00 -4.36
O1 9WP E . 6.98 2.40 -5.43
C2 9WP E . 4.87 2.17 -6.47
N2 9WP E . 8.03 -0.79 -4.81
O2 9WP E . 2.53 -0.62 -6.44
C3 9WP E . 5.86 1.62 -5.65
O3 9WP E . 5.23 -2.48 -3.26
C4 9WP E . 5.74 0.34 -5.08
C5 9WP E . 6.87 -0.13 -4.16
C6 9WP E . 2.75 -1.75 -5.71
C7 9WP E . 4.00 -1.73 -5.07
C8 9WP E . 4.56 -0.41 -5.38
C9 9WP E . 3.59 0.19 -6.24
C10 9WP E . 4.46 -2.76 -4.17
C11 9WP E . 4.67 -7.29 -1.84
C12 9WP E . 5.63 -6.28 -1.93
C13 9WP E . 5.43 -5.21 -2.78
C14 9WP E . 4.25 -5.12 -3.55
C15 9WP E . 3.31 -6.15 -3.48
C16 9WP E . 3.52 -7.22 -2.62
C17 9WP E . 4.90 -8.43 -0.83
C18 9WP E . 1.61 -2.74 -5.77
C19 9WP E . 9.06 -1.10 -3.82
C20 9WP E . 8.88 -2.45 -3.10
C21 9WP E . 9.47 -3.70 -3.82
C22 9WP E . 8.90 -4.04 -5.20
C23 9WP E . 8.76 -2.87 -6.20
C24 9WP E . 7.69 -1.84 -5.81
F1 9WP E . 3.83 -9.18 -0.47
F2 9WP E . 5.78 -9.29 -1.36
F3 9WP E . 5.39 -8.05 0.38
H11 9WP E . 2.95 1.90 -7.39
H17 9WP E . 3.28 -4.14 -5.09
H14 9WP E . 7.08 3.09 -6.07
H2 9WP E . 5.01 3.16 -6.89
H51 9WP E . 6.55 -0.66 -3.29
H52 9WP E . 7.25 0.79 -3.70
H12 9WP E . 6.57 -6.31 -1.39
H13 9WP E . 6.22 -4.49 -2.86
H15 9WP E . 2.41 -6.11 -4.07
H16 9WP E . 2.76 -8.00 -2.63
H54 9WP E . 1.26 -3.02 -4.77
H18 9WP E . 1.91 -3.65 -6.29
H53 9WP E . 0.75 -2.33 -6.28
H19 9WP E . 9.16 -0.29 -3.10
H55 9WP E . 10.03 -1.16 -4.33
H20 9WP E . 7.82 -2.63 -2.93
H56 9WP E . 9.31 -2.38 -2.10
H21 9WP E . 9.35 -4.57 -3.17
H57 9WP E . 10.55 -3.55 -3.90
H58 9WP E . 9.52 -4.82 -5.65
H22 9WP E . 7.91 -4.50 -5.08
H59 9WP E . 9.73 -2.39 -6.35
H23 9WP E . 8.48 -3.29 -7.17
H24 9WP E . 7.39 -1.34 -6.73
H6A 9WP E . 6.81 -2.36 -5.47
K K B . -1.31 -0.70 1.68
K K C . 0.46 -1.76 -0.99
C1 9WP D . -1.40 1.19 6.89
N1 9WP D . -6.82 0.12 4.58
O1 9WP D . -1.31 4.53 5.45
C2 9WP D . -1.01 2.48 6.56
N2 9WP D . -4.72 4.66 4.95
O2 9WP D . -3.15 -0.48 6.61
C3 9WP D . -1.79 3.28 5.72
O3 9WP D . -5.55 1.51 3.30
C4 9WP D . -3.00 2.82 5.16
C5 9WP D . -3.74 3.79 4.24
C6 9WP D . -4.29 -0.56 5.89
C7 9WP D . -4.57 0.64 5.21
C8 9WP D . -3.44 1.51 5.49
C9 9WP D . -2.62 0.74 6.36
C10 9WP D . -5.68 0.80 4.29
C11 9WP D . -10.24 -0.01 2.13
C12 9WP D . -9.53 1.18 2.25
C13 9WP D . -8.42 1.25 3.08
C14 9WP D . -7.97 0.12 3.77
C15 9WP D . -8.71 -1.07 3.68
C16 9WP D . -9.84 -1.13 2.86
C17 9WP D . -11.44 -0.06 1.19
C18 9WP D . -4.98 -1.91 5.98
C19 9WP D . -4.68 6.07 4.47
C20 9WP D . -5.62 6.39 3.29
C21 9WP D . -7.07 6.76 3.65
C22 9WP D . -7.92 5.69 4.38
C23 9WP D . -7.23 4.97 5.56
C24 9WP D . -6.06 4.06 5.14
F1 9WP D . -12.10 -1.24 1.01
F2 9WP D . -12.39 0.80 1.61
F3 9WP D . -11.11 0.29 -0.08
H11 9WP D . -0.81 0.56 7.53
H17 9WP D . -6.81 -0.49 5.37
H14 9WP D . -0.56 4.78 6.00
H2 9WP D . -0.07 2.86 6.95
H51 9WP D . -4.18 3.34 3.38
H52 9WP D . -2.98 4.43 3.79
H12 9WP D . -9.83 2.08 1.72
H13 9WP D . -7.90 2.20 3.16
H15 9WP D . -8.39 -1.96 4.22
H16 9WP D . -10.34 -2.09 2.82
H54 9WP D . -5.82 -2.00 5.30
H18 9WP D . -5.35 -2.08 6.98
H53 9WP D . -4.30 -2.71 5.74
H19 9WP D . -3.65 6.37 4.24
H55 9WP D . -4.99 6.72 5.28
H20 9WP D . -5.66 5.53 2.61
H56 9WP D . -5.17 7.19 2.70
H21 9WP D . -7.61 7.06 2.75
H57 9WP D . -7.04 7.66 4.28
H58 9WP D . -8.83 6.16 4.73
H22 9WP D . -8.24 4.94 3.65
H59 9WP D . -6.91 5.68 6.32
H23 9WP D . -7.98 4.33 6.04
H24 9WP D . -5.97 3.28 5.90
H6A 9WP D . -6.33 3.54 4.22
C1 9WP E . 3.79 1.62 -6.76
N1 9WP E . 4.01 -3.88 -4.41
O1 9WP E . 7.06 2.51 -5.42
C2 9WP E . 4.95 2.32 -6.45
N2 9WP E . 8.08 -0.68 -4.84
O2 9WP E . 2.59 -0.46 -6.45
C3 9WP E . 5.94 1.75 -5.64
O3 9WP E . 5.28 -2.37 -3.30
C4 9WP E . 5.81 0.47 -5.09
C5 9WP E . 6.94 -0.01 -4.16
C6 9WP E . 2.81 -1.60 -5.75
C7 9WP E . 4.05 -1.59 -5.09
C8 9WP E . 4.62 -0.28 -5.40
C9 9WP E . 3.66 0.34 -6.23
C10 9WP E . 4.51 -2.63 -4.20
C11 9WP E . 4.69 -7.19 -1.92
C12 9WP E . 5.65 -6.18 -2.00
C13 9WP E . 5.46 -5.10 -2.85
C14 9WP E . 4.28 -5.00 -3.61
C15 9WP E . 3.34 -6.02 -3.56
C16 9WP E . 3.54 -7.12 -2.71
C17 9WP E . 4.90 -8.34 -0.93
C18 9WP E . 1.66 -2.58 -5.81
C19 9WP E . 9.12 -1.00 -3.84
C20 9WP E . 8.98 -2.36 -3.14
C21 9WP E . 9.57 -3.58 -3.88
C22 9WP E . 9.00 -3.91 -5.28
C23 9WP E . 8.83 -2.73 -6.25
C24 9WP E . 7.74 -1.72 -5.83
F1 9WP E . 3.87 -9.19 -0.67
F2 9WP E . 5.88 -9.13 -1.41
F3 9WP E . 5.27 -7.95 0.31
H11 9WP E . 3.02 2.06 -7.39
H17 9WP E . 3.32 -4.00 -5.14
H14 9WP E . 7.26 3.11 -6.14
H2 9WP E . 5.09 3.31 -6.86
H51 9WP E . 6.61 -0.56 -3.32
H52 9WP E . 7.33 0.88 -3.69
H12 9WP E . 6.58 -6.23 -1.45
H13 9WP E . 6.26 -4.38 -2.92
H15 9WP E . 2.43 -5.97 -4.14
H16 9WP E . 2.77 -7.87 -2.72
H54 9WP E . 1.25 -2.81 -4.82
H18 9WP E . 1.97 -3.52 -6.26
H53 9WP E . 0.82 -2.19 -6.39
H19 9WP E . 9.21 -0.19 -3.11
H55 9WP E . 10.09 -1.03 -4.36
H20 9WP E . 7.91 -2.55 -2.98
H56 9WP E . 9.41 -2.29 -2.15
H21 9WP E . 9.47 -4.46 -3.26
H57 9WP E . 10.65 -3.42 -3.98
H58 9WP E . 9.64 -4.67 -5.74
H22 9WP E . 8.03 -4.41 -5.15
H59 9WP E . 9.78 -2.22 -6.41
H23 9WP E . 8.55 -3.13 -7.22
H24 9WP E . 7.41 -1.23 -6.74
H6A 9WP E . 6.89 -2.28 -5.45
K K B . -1.34 -0.75 1.66
K K C . 0.40 -1.78 -0.98
C1 9WP D . -1.49 1.22 6.92
N1 9WP D . -6.90 0.21 4.60
O1 9WP D . -1.33 4.56 5.45
C2 9WP D . -1.07 2.50 6.58
N2 9WP D . -4.87 4.59 4.89
O2 9WP D . -3.25 -0.43 6.66
C3 9WP D . -1.83 3.30 5.74
O3 9WP D . -5.62 1.56 3.32
C4 9WP D . -3.05 2.87 5.18
C5 9WP D . -3.79 3.84 4.25
C6 9WP D . -4.39 -0.50 5.93
C7 9WP D . -4.65 0.69 5.24
C8 9WP D . -3.51 1.55 5.52
C9 9WP D . -2.70 0.79 6.40
C10 9WP D . -5.75 0.87 4.32
C11 9WP D . -10.32 0.10 2.16
C12 9WP D . -9.59 1.28 2.27
C13 9WP D . -8.47 1.34 3.10
C14 9WP D . -8.06 0.21 3.80
C15 9WP D . -8.80 -0.98 3.72
C16 9WP D . -9.93 -1.03 2.89
C17 9WP D . -11.52 0.04 1.21
C18 9WP D . -5.10 -1.83 6.03
C19 9WP D . -4.43 5.96 5.25
C20 9WP D . -4.60 7.01 4.14
C21 9WP D . -5.98 7.69 4.03
C22 9WP D . -7.18 6.78 3.70
C23 9WP D . -7.29 5.48 4.52
C24 9WP D . -6.19 4.45 4.22
F1 9WP D . -12.20 -1.12 1.05
F2 9WP D . -12.46 0.93 1.62
F3 9WP D . -11.18 0.38 -0.06
H11 9WP D . -0.89 0.60 7.58
H17 9WP D . -6.90 -0.41 5.41
H14 9WP D . -0.55 4.77 5.97
H2 9WP D . -0.13 2.87 6.98
H51 9WP D . -4.12 3.37 3.34
H52 9WP D . -3.04 4.54 3.87
H12 9WP D . -9.88 2.18 1.73
H13 9WP D . -7.94 2.28 3.16
H15 9WP D . -8.50 -1.86 4.26
H16 9WP D . -10.45 -1.97 2.86
H54 9WP D . -5.90 -1.95 5.31
H18 9WP D . -5.52 -1.97 7.03
H53 9WP D . -4.42 -2.66 5.85
H19 9WP D . -3.41 5.95 5.62
H55 9WP D . -5.04 6.31 6.09
H20 9WP D . -4.38 6.55 3.17
H56 9WP D . -3.83 7.79 4.27
H21 9WP D . -5.93 8.48 3.27
H57 9WP D . -6.18 8.21 4.97
H58 9WP D . -8.10 7.36 3.82
H22 9WP D . -7.16 6.52 2.63
H59 9WP D . -7.34 5.70 5.59
H23 9WP D . -8.25 5.01 4.28
H24 9WP D . -6.59 3.47 4.49
H6A 9WP D . -6.01 4.42 3.15
C1 9WP E . 3.73 1.62 -6.59
N1 9WP E . 3.94 -3.90 -4.27
O1 9WP E . 6.94 2.54 -5.15
C2 9WP E . 4.87 2.33 -6.25
N2 9WP E . 7.99 -0.63 -4.58
O2 9WP E . 2.53 -0.47 -6.33
C3 9WP E . 5.84 1.76 -5.41
O3 9WP E . 5.16 -2.38 -3.12
C4 9WP E . 5.70 0.47 -4.87
C5 9WP E . 6.82 0.00 -3.93
C6 9WP E . 2.74 -1.61 -5.62
C7 9WP E . 3.98 -1.60 -4.94
C8 9WP E . 4.54 -0.28 -5.21
C9 9WP E . 3.59 0.33 -6.07
C10 9WP E . 4.41 -2.64 -4.05
C11 9WP E . 4.59 -7.23 -1.79
C12 9WP E . 5.54 -6.21 -1.84
C13 9WP E . 5.36 -5.12 -2.69
C14 9WP E . 4.20 -5.02 -3.47
C15 9WP E . 3.27 -6.06 -3.45
C16 9WP E . 3.46 -7.15 -2.61
C17 9WP E . 4.78 -8.38 -0.81
C18 9WP E . 1.61 -2.61 -5.72
C19 9WP E . 9.05 -0.89 -3.58
C20 9WP E . 8.97 -2.26 -2.88
C21 9WP E . 9.63 -3.45 -3.61
C22 9WP E . 9.07 -3.83 -4.99
C23 9WP E . 8.83 -2.67 -5.97
C24 9WP E . 7.68 -1.72 -5.55
F1 9WP E . 3.70 -9.10 -0.44
F2 9WP E . 5.63 -9.25 -1.37
F3 9WP E . 5.30 -8.05 0.41
H11 9WP E . 2.97 2.06 -7.22
H17 9WP E . 3.27 -4.01 -5.02
H14 9WP E . 7.23 3.07 -5.90
H2 9WP E . 5.01 3.31 -6.65
H51 9WP E . 6.48 -0.57 -3.09
H52 9WP E . 7.19 0.89 -3.44
H12 9WP E . 6.47 -6.25 -1.29
H13 9WP E . 6.15 -4.39 -2.73
H15 9WP E . 2.37 -6.00 -4.05
H16 9WP E . 2.70 -7.92 -2.65
H54 9WP E . 1.22 -2.90 -4.74
H18 9WP E . 1.93 -3.51 -6.23
H53 9WP E . 0.76 -2.20 -6.26
H19 9WP E . 9.09 -0.08 -2.85
H55 9WP E . 10.02 -0.87 -4.09
H20 9WP E . 7.92 -2.51 -2.71
H56 9WP E . 9.40 -2.17 -1.88
H21 9WP E . 9.59 -4.33 -2.96
H57 9WP E . 10.70 -3.23 -3.71
H58 9WP E . 9.74 -4.56 -5.44
H22 9WP E . 8.14 -4.39 -4.85
H59 9WP E . 9.74 -2.13 -6.16
H23 9WP E . 8.54 -3.11 -6.93
H24 9WP E . 7.30 -1.27 -6.46
H6A 9WP E . 6.87 -2.32 -5.15
K K B . -1.30 -0.71 1.68
K K C . 0.41 -1.75 -1.03
C1 9WP D . -1.37 1.14 6.98
N1 9WP D . -6.76 0.15 4.58
O1 9WP D . -1.22 4.49 5.56
C2 9WP D . -0.96 2.42 6.66
N2 9WP D . -4.64 4.65 5.01
O2 9WP D . -3.12 -0.51 6.66
C3 9WP D . -1.71 3.24 5.81
O3 9WP D . -5.47 1.52 3.34
C4 9WP D . -2.92 2.81 5.24
C5 9WP D . -3.66 3.79 4.32
C6 9WP D . -4.26 -0.58 5.92
C7 9WP D . -4.52 0.63 5.24
C8 9WP D . -3.38 1.49 5.56
C9 9WP D . -2.58 0.71 6.43
C10 9WP D . -5.61 0.81 4.32
C11 9WP D . -10.16 0.06 2.09
C12 9WP D . -9.42 1.25 2.23
C13 9WP D . -8.32 1.30 3.07
C14 9WP D . -7.91 0.15 3.76
C15 9WP D . -8.65 -1.03 3.65
C16 9WP D . -9.77 -1.07 2.82
C17 9WP D . -11.34 0.02 1.13
C18 9WP D . -4.96 -1.91 6.00
C19 9WP D . -4.56 6.07 4.57
C20 9WP D . -5.47 6.44 3.39
C21 9WP D . -6.93 6.82 3.73
C22 9WP D . -7.81 5.73 4.41
C23 9WP D . -7.16 4.96 5.57
C24 9WP D . -5.98 4.06 5.14
F1 9WP D . -12.01 -1.14 0.93
F2 9WP D . -12.29 0.90 1.54
F3 9WP D . -10.98 0.39 -0.13
H11 9WP D . -0.79 0.50 7.62
H17 9WP D . -6.77 -0.49 5.37
H14 9WP D . -0.48 4.73 6.13
H2 9WP D . -0.02 2.79 7.07
H51 9WP D . -4.07 3.34 3.44
H52 9WP D . -2.88 4.42 3.88
H12 9WP D . -9.71 2.14 1.70
H13 9WP D . -7.79 2.23 3.16
H15 9WP D . -8.35 -1.93 4.19
H16 9WP D . -10.28 -2.02 2.77
H54 9WP D . -5.77 -2.00 5.28
H18 9WP D . -5.37 -2.08 6.99
H53 9WP D . -4.28 -2.73 5.79
H19 9WP D . -3.53 6.36 4.38
H55 9WP D . -4.88 6.69 5.41
H20 9WP D . -5.51 5.61 2.69
H56 9WP D . -5.01 7.26 2.83
H21 9WP D . -7.44 7.16 2.84
H57 9WP D . -6.90 7.70 4.39
H58 9WP D . -8.73 6.21 4.76
H22 9WP D . -8.13 5.01 3.65
H59 9WP D . -6.85 5.64 6.36
H23 9WP D . -7.92 4.31 6.01
H24 9WP D . -5.94 3.24 5.87
H6A 9WP D . -6.24 3.59 4.19
C1 9WP E . 3.67 1.68 -6.75
N1 9WP E . 3.92 -3.82 -4.41
O1 9WP E . 6.89 2.63 -5.30
C2 9WP E . 4.82 2.40 -6.39
N2 9WP E . 7.93 -0.53 -4.72
O2 9WP E . 2.51 -0.42 -6.48
C3 9WP E . 5.78 1.85 -5.56
O3 9WP E . 5.12 -2.29 -3.25
C4 9WP E . 5.65 0.56 -5.01
C5 9WP E . 6.76 0.09 -4.07
C6 9WP E . 2.71 -1.55 -5.77
C7 9WP E . 3.94 -1.53 -5.08
C8 9WP E . 4.49 -0.21 -5.36
C9 9WP E . 3.55 0.40 -6.23
C10 9WP E . 4.38 -2.57 -4.18
C11 9WP E . 4.58 -7.14 -1.91
C12 9WP E . 5.53 -6.12 -1.96
C13 9WP E . 5.34 -5.03 -2.81
C14 9WP E . 4.19 -4.95 -3.60
C15 9WP E . 3.25 -5.98 -3.58
C16 9WP E . 3.45 -7.08 -2.74
C17 9WP E . 4.79 -8.29 -0.92
C18 9WP E . 1.59 -2.56 -5.86
C19 9WP E . 9.13 -0.38 -3.89
C20 9WP E . 10.39 -1.13 -4.36
C21 9WP E . 10.50 -2.62 -3.94
C22 9WP E . 9.43 -3.58 -4.49
C23 9WP E . 7.97 -3.10 -4.41
C24 9WP E . 7.67 -1.88 -5.29
F1 9WP E . 3.68 -8.99 -0.54
F2 9WP E . 5.61 -9.18 -1.49
F3 9WP E . 5.32 -7.96 0.28
H11 9WP E . 2.92 2.11 -7.38
H17 9WP E . 3.25 -3.95 -5.16
H14 9WP E . 7.06 3.29 -5.97
H2 9WP E . 4.95 3.40 -6.80
H51 9WP E . 6.43 -0.47 -3.22
H52 9WP E . 7.12 0.99 -3.57
H12 9WP E . 6.46 -6.15 -1.41
H13 9WP E . 6.12 -4.30 -2.84
H15 9WP E . 2.36 -5.94 -4.20
H16 9WP E . 2.71 -7.86 -2.78
H54 9WP E . 1.17 -2.82 -4.89
H18 9WP E . 1.92 -3.48 -6.34
H53 9WP E . 0.75 -2.17 -6.45
H19 9WP E . 8.91 -0.61 -2.85
H55 9WP E . 9.41 0.68 -3.88
H20 9WP E . 11.28 -0.62 -3.99
H56 9WP E . 10.46 -1.06 -5.44
H21 9WP E . 10.48 -2.68 -2.85
H57 9WP E . 11.49 -2.98 -4.22
H58 9WP E . 9.68 -3.81 -5.53
H22 9WP E . 9.51 -4.54 -3.97
H59 9WP E . 7.28 -3.91 -4.65
H23 9WP E . 7.76 -2.82 -3.38
H24 9WP E . 8.27 -1.98 -6.19
H6A 9WP E . 6.63 -1.93 -5.61
K K B . -1.27 -0.76 1.81
K K C . 0.50 -1.74 -0.97
C1 9WP D . -1.46 1.19 6.81
N1 9WP D . -6.85 0.22 4.40
O1 9WP D . -1.42 4.65 5.65
C2 9WP D . -1.09 2.50 6.59
N2 9WP D . -4.86 4.74 5.12
O2 9WP D . -3.17 -0.48 6.40
C3 9WP D . -1.87 3.36 5.82
O3 9WP D . -5.61 1.73 3.24
C4 9WP D . -3.08 2.94 5.22
C5 9WP D . -3.84 3.96 4.37
C6 9WP D . -4.32 -0.52 5.66
C7 9WP D . -4.62 0.72 5.08
C8 9WP D . -3.50 1.59 5.44
C9 9WP D . -2.67 0.77 6.25
C10 9WP D . -5.72 0.94 4.17
C11 9WP D . -10.26 0.24 1.93
C12 9WP D . -9.56 1.43 2.16
C13 9WP D . -8.46 1.44 2.98
C14 9WP D . -8.00 0.26 3.59
C15 9WP D . -8.72 -0.92 3.40
C16 9WP D . -9.83 -0.94 2.56
C17 9WP D . -11.46 0.24 0.97
C18 9WP D . -4.99 -1.88 5.64
C19 9WP D . -5.21 6.00 4.43
C20 9WP D . -5.30 7.23 5.36
C21 9WP D . -6.38 7.18 6.46
C22 9WP D . -6.52 5.87 7.26
C23 9WP D . -7.06 4.67 6.47
C24 9WP D . -6.00 3.95 5.61
F1 9WP D . -12.10 -0.92 0.71
F2 9WP D . -12.42 1.05 1.46
F3 9WP D . -11.13 0.70 -0.26
H11 9WP D . -0.86 0.52 7.41
H17 9WP D . -6.83 -0.46 5.13
H14 9WP D . -0.65 4.84 6.20
H2 9WP D . -0.15 2.87 7.01
H51 9WP D . -4.24 3.57 3.47
H52 9WP D . -3.09 4.66 4.01
H12 9WP D . -9.88 2.35 1.70
H13 9WP D . -7.95 2.39 3.15
H15 9WP D . -8.39 -1.85 3.85
H16 9WP D . -10.33 -1.89 2.45
H54 9WP D . -5.71 -1.99 4.84
H18 9WP D . -5.50 -2.08 6.58
H53 9WP D . -4.26 -2.67 5.49
H19 9WP D . -6.14 5.87 3.87
H55 9WP D . -4.45 6.25 3.70
H20 9WP D . -5.49 8.12 4.74
H56 9WP D . -4.33 7.41 5.81
H21 9WP D . -7.35 7.42 6.02
H57 9WP D . -6.18 8.00 7.16
H58 9WP D . -5.54 5.62 7.67
H22 9WP D . -7.16 6.04 8.12
H59 9WP D . -7.56 3.95 7.13
H23 9WP D . -7.83 5.03 5.79
H24 9WP D . -5.63 3.13 6.20
H6A 9WP D . -6.50 3.51 4.74
C1 9WP E . 3.84 1.74 -6.72
N1 9WP E . 4.07 -3.79 -4.45
O1 9WP E . 7.10 2.62 -5.34
C2 9WP E . 5.00 2.43 -6.39
N2 9WP E . 8.13 -0.57 -4.80
O2 9WP E . 2.64 -0.36 -6.46
C3 9WP E . 5.98 1.86 -5.59
O3 9WP E . 5.32 -2.30 -3.31
C4 9WP E . 5.85 0.56 -5.05
C5 9WP E . 6.98 0.07 -4.13
C6 9WP E . 2.86 -1.50 -5.75
C7 9WP E . 4.10 -1.50 -5.10
C8 9WP E . 4.67 -0.18 -5.38
C9 9WP E . 3.71 0.45 -6.22
C10 9WP E . 4.56 -2.56 -4.22
C11 9WP E . 4.76 -7.15 -2.00
C12 9WP E . 5.71 -6.13 -2.06
C13 9WP E . 5.52 -5.04 -2.89
C14 9WP E . 4.34 -4.93 -3.66
C15 9WP E . 3.40 -5.96 -3.63
C16 9WP E . 3.60 -7.06 -2.80
C17 9WP E . 4.97 -8.31 -1.03
C18 9WP E . 1.72 -2.50 -5.83
C19 9WP E . 9.16 -0.92 -3.81
C20 9WP E . 9.01 -2.30 -3.15
C21 9WP E . 9.62 -3.49 -3.91
C22 9WP E . 9.05 -3.81 -5.31
C23 9WP E . 8.89 -2.60 -6.26
C24 9WP E . 7.79 -1.60 -5.82
F1 9WP E . 3.94 -9.17 -0.80
F2 9WP E . 5.97 -9.08 -1.49
F3 9WP E . 5.30 -7.93 0.23
H11 9WP E . 3.07 2.17 -7.34
H17 9WP E . 3.38 -3.91 -5.18
H14 9WP E . 7.09 3.45 -5.82
H2 9WP E . 5.13 3.42 -6.80
H51 9WP E . 6.64 -0.49 -3.29
H52 9WP E . 7.37 0.97 -3.65
H12 9WP E . 6.64 -6.19 -1.50
H13 9WP E . 6.31 -4.32 -2.96
H15 9WP E . 2.49 -5.90 -4.22
H16 9WP E . 2.83 -7.82 -2.82
H54 9WP E . 1.32 -2.76 -4.85
H18 9WP E . 2.03 -3.41 -6.32
H53 9WP E . 0.89 -2.09 -6.40
H19 9WP E . 9.24 -0.13 -3.06
H55 9WP E . 10.13 -0.93 -4.32
H20 9WP E . 7.95 -2.49 -2.99
H56 9WP E . 9.43 -2.24 -2.14
H21 9WP E . 9.52 -4.39 -3.30
H57 9WP E . 10.69 -3.33 -3.99
H58 9WP E . 9.69 -4.55 -5.78
H22 9WP E . 8.07 -4.29 -5.20
H59 9WP E . 9.83 -2.09 -6.40
H23 9WP E . 8.61 -2.98 -7.24
H24 9WP E . 7.47 -1.09 -6.73
H6A 9WP E . 6.94 -2.16 -5.48
K K B . -1.34 -0.73 1.65
K K C . 0.39 -1.77 -0.97
C1 9WP D . -1.40 1.24 6.99
N1 9WP D . -6.75 0.20 4.52
O1 9WP D . -1.23 4.58 5.53
C2 9WP D . -0.98 2.52 6.66
N2 9WP D . -4.60 4.74 4.92
O2 9WP D . -3.15 -0.42 6.68
C3 9WP D . -1.72 3.32 5.79
O3 9WP D . -5.44 1.57 3.29
C4 9WP D . -2.93 2.87 5.20
C5 9WP D . -3.64 3.84 4.25
C6 9WP D . -4.27 -0.49 5.92
C7 9WP D . -4.52 0.70 5.22
C8 9WP D . -3.40 1.56 5.54
C9 9WP D . -2.61 0.80 6.43
C10 9WP D . -5.60 0.87 4.27
C11 9WP D . -10.10 0.07 1.99
C12 9WP D . -9.37 1.26 2.11
C13 9WP D . -8.29 1.33 2.98
C14 9WP D . -7.89 0.19 3.69
C15 9WP D . -8.62 -0.99 3.59
C16 9WP D . -9.72 -1.05 2.73
C17 9WP D . -11.27 0.02 1.00
C18 9WP D . -4.98 -1.83 6.01
C19 9WP D . -4.60 6.11 4.33
C20 9WP D . -5.57 6.31 3.14
C21 9WP D . -7.02 6.68 3.51
C22 9WP D . -7.83 5.66 4.34
C23 9WP D . -7.11 5.06 5.56
C24 9WP D . -5.93 4.14 5.19
F1 9WP D . -11.95 -1.14 0.82
F2 9WP D . -12.22 0.91 1.39
F3 9WP D . -10.90 0.36 -0.26
H11 9WP D . -0.83 0.61 7.66
H17 9WP D . -6.77 -0.42 5.33
H14 9WP D . -0.56 4.85 6.16
H2 9WP D . -0.06 2.89 7.07
H51 9WP D . -4.06 3.38 3.39
H52 9WP D . -2.86 4.45 3.81
H12 9WP D . -9.66 2.15 1.57
H13 9WP D . -7.76 2.27 3.06
H15 9WP D . -8.33 -1.87 4.13
H16 9WP D . -10.24 -1.99 2.69
H54 9WP D . -5.78 -1.93 5.28
H18 9WP D . -5.40 -1.99 6.99
H53 9WP D . -4.29 -2.65 5.80
H19 9WP D . -3.59 6.42 4.08
H55 9WP D . -4.93 6.82 5.10
H20 9WP D . -5.59 5.40 2.56
H56 9WP D . -5.15 7.07 2.48
H21 9WP D . -7.57 6.88 2.59
H57 9WP D . -7.00 7.63 4.04
H58 9WP D . -8.76 6.15 4.67
H22 9WP D . -8.15 4.85 3.68
H59 9WP D . -6.80 5.85 6.25
H23 9WP D . -7.84 4.46 6.11
H24 9WP D . -5.82 3.44 6.03
H6A 9WP D . -6.21 3.54 4.33
C1 9WP E . 3.71 1.70 -6.56
N1 9WP E . 3.92 -3.83 -4.29
O1 9WP E . 6.93 2.60 -5.13
C2 9WP E . 4.86 2.40 -6.22
N2 9WP E . 7.97 -0.55 -4.60
O2 9WP E . 2.52 -0.40 -6.32
C3 9WP E . 5.83 1.83 -5.39
O3 9WP E . 5.14 -2.33 -3.12
C4 9WP E . 5.70 0.53 -4.86
C5 9WP E . 6.81 0.05 -3.91
C6 9WP E . 2.72 -1.54 -5.62
C7 9WP E . 3.96 -1.53 -4.93
C8 9WP E . 4.52 -0.22 -5.21
C9 9WP E . 3.57 0.41 -6.06
C10 9WP E . 4.39 -2.59 -4.06
C11 9WP E . 4.55 -7.18 -1.82
C12 9WP E . 5.51 -6.16 -1.87
C13 9WP E . 5.33 -5.07 -2.71
C14 9WP E . 4.17 -4.97 -3.49
C15 9WP E . 3.23 -6.00 -3.48
C16 9WP E . 3.42 -7.10 -2.64
C17 9WP E . 4.75 -8.34 -0.85
C18 9WP E . 1.58 -2.53 -5.71
C19 9WP E . 9.23 -0.18 -3.90
C20 9WP E . 10.53 -0.78 -4.49
C21 9WP E . 10.70 -2.31 -4.40
C22 9WP E . 9.68 -3.12 -3.54
C23 9WP E . 8.19 -3.05 -3.96
C24 9WP E . 7.81 -1.96 -4.98
F1 9WP E . 3.66 -9.05 -0.49
F2 9WP E . 5.59 -9.22 -1.43
F3 9WP E . 5.28 -8.02 0.36
H11 9WP E . 2.95 2.14 -7.19
H17 9WP E . 3.24 -3.95 -5.04
H14 9WP E . 7.16 3.19 -5.84
H2 9WP E . 5.00 3.39 -6.61
H51 9WP E . 6.47 -0.55 -3.10
H52 9WP E . 7.14 0.94 -3.40
H12 9WP E . 6.45 -6.22 -1.32
H13 9WP E . 6.12 -4.35 -2.74
H15 9WP E . 2.34 -5.94 -4.09
H16 9WP E . 2.67 -7.87 -2.69
H54 9WP E . 1.17 -2.81 -4.74
H18 9WP E . 1.90 -3.44 -6.20
H53 9WP E . 0.75 -2.13 -6.28
H19 9WP E . 9.14 -0.42 -2.84
H55 9WP E . 9.35 0.90 -3.95
H20 9WP E . 11.38 -0.32 -3.99
H56 9WP E . 10.61 -0.46 -5.53
H21 9WP E . 11.70 -2.53 -4.03
H57 9WP E . 10.69 -2.71 -5.42
H58 9WP E . 10.01 -4.16 -3.54
H22 9WP E . 9.77 -2.79 -2.50
H59 9WP E . 7.84 -4.02 -4.29
H23 9WP E . 7.62 -2.83 -3.05
H24 9WP E . 8.41 -2.15 -5.88
H6A 9WP E . 6.77 -2.10 -5.29
K K B . -1.16 -0.71 1.52
K K C . 0.42 -1.77 -1.05
C1 9WP D . -1.46 1.45 6.85
N1 9WP D . -6.77 0.23 4.38
O1 9WP D . -1.47 4.84 5.51
C2 9WP D . -1.12 2.76 6.56
N2 9WP D . -4.85 4.88 4.91
O2 9WP D . -3.13 -0.28 6.48
C3 9WP D . -1.91 3.55 5.73
O3 9WP D . -5.54 1.71 3.17
C4 9WP D . -3.08 3.07 5.13
C5 9WP D . -3.86 4.04 4.22
C6 9WP D . -4.25 -0.39 5.73
C7 9WP D . -4.56 0.82 5.08
C8 9WP D . -3.48 1.72 5.42
C9 9WP D . -2.64 0.97 6.28
C10 9WP D . -5.65 0.97 4.14
C11 9WP D . -10.13 0.03 1.84
C12 9WP D . -9.47 1.24 2.02
C13 9WP D . -8.37 1.34 2.87
C14 9WP D . -7.91 0.20 3.54
C15 9WP D . -8.58 -1.02 3.40
C16 9WP D . -9.69 -1.10 2.54
C17 9WP D . -11.30 -0.05 0.87
C18 9WP D . -4.88 -1.76 5.77
C19 9WP D . -5.07 6.12 4.14
C20 9WP D . -5.98 7.15 4.82
C21 9WP D . -7.49 6.83 4.88
C22 9WP D . -7.96 5.82 5.96
C23 9WP D . -6.91 4.81 6.47
C24 9WP D . -6.06 4.16 5.36
F1 9WP D . -11.91 -1.24 0.64
F2 9WP D . -12.29 0.76 1.30
F3 9WP D . -10.95 0.35 -0.38
H11 9WP D . -0.85 0.84 7.49
H17 9WP D . -6.76 -0.42 5.15
H14 9WP D . -0.69 5.07 6.01
H2 9WP D . -0.20 3.17 6.98
H51 9WP D . -4.25 3.58 3.34
H52 9WP D . -3.10 4.70 3.79
H12 9WP D . -9.79 2.14 1.51
H13 9WP D . -7.89 2.30 2.99
H15 9WP D . -8.25 -1.91 3.92
H16 9WP D . -10.15 -2.07 2.47
H54 9WP D . -5.70 -1.87 5.05
H18 9WP D . -5.27 -1.99 6.76
H53 9WP D . -4.16 -2.54 5.51
H19 9WP D . -5.45 5.88 3.14
H55 9WP D . -4.11 6.61 3.98
H20 9WP D . -5.87 8.11 4.31
H56 9WP D . -5.60 7.34 5.84
H21 9WP D . -7.80 6.44 3.91
H57 9WP D . -8.03 7.76 5.02
H58 9WP D . -8.34 6.40 6.82
H22 9WP D . -8.82 5.27 5.59
H59 9WP D . -6.27 5.27 7.22
H23 9WP D . -7.44 4.00 6.97
H24 9WP D . -5.77 3.19 5.73
H6A 9WP D . -6.70 3.99 4.49
C1 9WP E . 3.98 1.51 -6.87
N1 9WP E . 4.06 -3.98 -4.49
O1 9WP E . 7.26 2.33 -5.51
C2 9WP E . 5.16 2.17 -6.56
N2 9WP E . 8.20 -0.86 -4.91
O2 9WP E . 2.74 -0.55 -6.56
C3 9WP E . 6.12 1.59 -5.74
O3 9WP E . 5.35 -2.50 -3.37
C4 9WP E . 5.96 0.32 -5.18
C5 9WP E . 7.07 -0.19 -4.25
C6 9WP E . 2.92 -1.68 -5.84
C7 9WP E . 4.15 -1.70 -5.19
C8 9WP E . 4.76 -0.40 -5.49
C9 9WP E . 3.81 0.24 -6.34
C10 9WP E . 4.58 -2.75 -4.28
C11 9WP E . 4.65 -7.29 -1.97
C12 9WP E . 5.63 -6.31 -2.05
C13 9WP E . 5.48 -5.23 -2.91
C14 9WP E . 4.30 -5.10 -3.67
C15 9WP E . 3.34 -6.11 -3.62
C16 9WP E . 3.50 -7.20 -2.77
C17 9WP E . 4.83 -8.44 -0.98
C18 9WP E . 1.75 -2.64 -5.90
C19 9WP E . 9.24 -1.21 -3.91
C20 9WP E . 9.05 -2.56 -3.20
C21 9WP E . 9.61 -3.80 -3.93
C22 9WP E . 9.04 -4.13 -5.31
C23 9WP E . 8.91 -2.96 -6.30
C24 9WP E . 7.85 -1.91 -5.90
F1 9WP E . 3.78 -9.26 -0.71
F2 9WP E . 5.80 -9.26 -1.44
F3 9WP E . 5.20 -8.04 0.27
H11 9WP E . 3.23 1.95 -7.50
H17 9WP E . 3.38 -4.10 -5.22
H14 9WP E . 7.24 3.20 -5.95
H2 9WP E . 5.31 3.17 -6.98
H51 9WP E . 6.73 -0.72 -3.39
H52 9WP E . 7.47 0.72 -3.78
H12 9WP E . 6.57 -6.38 -1.49
H13 9WP E . 6.29 -4.53 -2.98
H15 9WP E . 2.43 -6.03 -4.22
H16 9WP E . 2.72 -7.93 -2.77
H54 9WP E . 1.36 -2.91 -4.92
H18 9WP E . 2.03 -3.57 -6.41
H53 9WP E . 0.91 -2.22 -6.45
H19 9WP E . 9.34 -0.40 -3.19
H55 9WP E . 10.20 -1.27 -4.42
H20 9WP E . 7.98 -2.73 -3.04
H56 9WP E . 9.47 -2.50 -2.19
H21 9WP E . 9.48 -4.68 -3.29
H57 9WP E . 10.70 -3.67 -4.01
H58 9WP E . 9.65 -4.91 -5.76
H22 9WP E . 8.05 -4.60 -5.19
H59 9WP E . 9.88 -2.48 -6.46
H23 9WP E . 8.62 -3.36 -7.27
H24 9WP E . 7.55 -1.41 -6.82
H6A 9WP E . 6.97 -2.44 -5.55
K K B . -1.29 -0.73 1.52
K K C . 0.43 -1.84 -1.13
C1 9WP D . -1.67 1.54 7.03
N1 9WP D . -6.90 0.34 4.39
O1 9WP D . -1.33 4.70 5.25
C2 9WP D . -1.20 2.78 6.59
N2 9WP D . -4.81 4.73 4.40
O2 9WP D . -3.43 -0.11 6.78
C3 9WP D . -1.88 3.49 5.61
O3 9WP D . -5.48 1.55 3.09
C4 9WP D . -3.05 3.01 5.00
C5 9WP D . -3.69 3.88 3.92
C6 9WP D . -4.51 -0.24 5.98
C7 9WP D . -4.70 0.87 5.14
C8 9WP D . -3.56 1.75 5.44
C9 9WP D . -2.84 1.07 6.45
C10 9WP D . -5.71 0.95 4.12
C11 9WP D . -10.11 0.01 1.68
C12 9WP D . -9.36 1.19 1.73
C13 9WP D . -8.32 1.32 2.64
C14 9WP D . -7.98 0.27 3.49
C15 9WP D . -8.75 -0.91 3.46
C16 9WP D . -9.79 -1.04 2.55
C17 9WP D . -11.22 -0.12 0.64
C18 9WP D . -5.25 -1.56 6.15
C19 9WP D . -4.37 6.12 4.63
C20 9WP D . -4.44 7.04 3.39
C21 9WP D . -5.80 7.71 3.11
C22 9WP D . -6.99 6.79 2.80
C23 9WP D . -7.19 5.59 3.76
C24 9WP D . -6.07 4.51 3.66
F1 9WP D . -11.90 -1.29 0.54
F2 9WP D . -12.18 0.80 0.88
F3 9WP D . -10.77 0.08 -0.62
H11 9WP D . -1.15 0.97 7.79
H17 9WP D . -6.98 -0.19 5.24
H14 9WP D . -0.53 4.91 5.71
H2 9WP D . -0.29 3.17 7.02
H51 9WP D . -3.97 3.33 3.04
H52 9WP D . -2.91 4.53 3.52
H12 9WP D . -9.59 2.03 1.08
H13 9WP D . -7.78 2.26 2.66
H15 9WP D . -8.49 -1.73 4.11
H16 9WP D . -10.33 -1.97 2.58
H54 9WP D . -6.06 -1.70 5.44
H18 9WP D . -5.67 -1.64 7.15
H53 9WP D . -4.58 -2.41 6.01
H19 9WP D . -3.37 6.13 5.06
H55 9WP D . -5.02 6.57 5.38
H20 9WP D . -4.16 6.48 2.51
H56 9WP D . -3.66 7.82 3.50
H21 9WP D . -5.69 8.41 2.28
H57 9WP D . -6.05 8.34 3.97
H58 9WP D . -7.90 7.39 2.80
H22 9WP D . -6.89 6.40 1.78
H59 9WP D . -7.29 5.93 4.79
H23 9WP D . -8.12 5.11 3.51
H24 9WP D . -6.52 3.58 4.00
H6A 9WP D . -5.83 4.37 2.60
C1 9WP E . 3.88 1.42 -6.94
N1 9WP E . 4.05 -4.03 -4.47
O1 9WP E . 7.15 2.31 -5.61
C2 9WP E . 5.04 2.11 -6.65
N2 9WP E . 8.13 -0.85 -4.99
O2 9WP E . 2.66 -0.65 -6.59
C3 9WP E . 6.03 1.56 -5.83
O3 9WP E . 5.33 -2.50 -3.38
C4 9WP E . 5.89 0.28 -5.24
C5 9WP E . 7.01 -0.19 -4.31
C6 9WP E . 2.87 -1.76 -5.85
C7 9WP E . 4.11 -1.75 -5.21
C8 9WP E . 4.69 -0.45 -5.53
C9 9WP E . 3.73 0.15 -6.39
C10 9WP E . 4.55 -2.78 -4.28
C11 9WP E . 4.70 -7.30 -1.90
C12 9WP E . 5.67 -6.30 -2.00
C13 9WP E . 5.49 -5.23 -2.88
C14 9WP E . 4.32 -5.14 -3.64
C15 9WP E . 3.35 -6.15 -3.57
C16 9WP E . 3.55 -7.22 -2.70
C17 9WP E . 4.90 -8.42 -0.90
C18 9WP E . 1.71 -2.74 -5.89
C19 9WP E . 9.38 -0.68 -4.20
C20 9WP E . 10.60 -1.50 -4.68
C21 9WP E . 10.67 -2.96 -4.19
C22 9WP E . 9.57 -3.93 -4.68
C23 9WP E . 8.12 -3.40 -4.59
C24 9WP E . 7.83 -2.20 -5.50
F1 9WP E . 3.81 -9.11 -0.47
F2 9WP E . 5.71 -9.33 -1.45
F3 9WP E . 5.46 -8.06 0.30
H11 9WP E . 3.12 1.85 -7.58
H17 9WP E . 3.36 -4.16 -5.19
H14 9WP E . 7.15 3.14 -6.10
H2 9WP E . 5.19 3.10 -7.07
H51 9WP E . 6.68 -0.73 -3.45
H52 9WP E . 7.40 0.72 -3.85
H12 9WP E . 6.61 -6.34 -1.47
H13 9WP E . 6.28 -4.52 -2.95
H15 9WP E . 2.45 -6.10 -4.15
H16 9WP E . 2.79 -7.99 -2.69
H54 9WP E . 1.47 -3.16 -4.91
H18 9WP E . 1.93 -3.57 -6.56
H53 9WP E . 0.80 -2.27 -6.24
H19 9WP E . 9.18 -0.87 -3.15
H55 9WP E . 9.68 0.37 -4.26
H20 9WP E . 11.51 -1.00 -4.37
H56 9WP E . 10.62 -1.48 -5.77
H21 9WP E . 10.67 -2.98 -3.10
H57 9WP E . 11.64 -3.37 -4.49
H58 9WP E . 9.78 -4.20 -5.72
H22 9WP E . 9.64 -4.86 -4.12
H59 9WP E . 7.40 -4.20 -4.76
H23 9WP E . 7.94 -3.07 -3.56
H24 9WP E . 8.40 -2.36 -6.41
H6A 9WP E . 6.78 -2.24 -5.79
K K B . -1.32 -0.70 1.66
K K C . 0.39 -1.83 -0.99
C1 9WP D . -1.52 1.33 6.87
N1 9WP D . -6.90 0.18 4.54
O1 9WP D . -1.61 4.79 5.72
C2 9WP D . -1.19 2.66 6.64
N2 9WP D . -5.04 4.76 5.28
O2 9WP D . -3.17 -0.40 6.48
C3 9WP D . -2.02 3.49 5.89
O3 9WP D . -5.74 1.74 3.38
C4 9WP D . -3.22 3.02 5.31
C5 9WP D . -4.03 4.03 4.49
C6 9WP D . -4.33 -0.47 5.77
C7 9WP D . -4.68 0.76 5.19
C8 9WP D . -3.59 1.66 5.54
C9 9WP D . -2.72 0.86 6.33
C10 9WP D . -5.81 0.94 4.31
C11 9WP D . -10.36 0.08 2.14
C12 9WP D . -9.70 1.30 2.35
C13 9WP D . -8.58 1.35 3.17
C14 9WP D . -8.08 0.18 3.76
C15 9WP D . -8.75 -1.03 3.57
C16 9WP D . -9.88 -1.09 2.77
C17 9WP D . -11.56 0.05 1.21
C18 9WP D . -4.95 -1.86 5.76
C19 9WP D . -5.09 6.21 4.94
C20 9WP D . -6.09 6.61 3.83
C21 9WP D . -7.55 6.85 4.28
C22 9WP D . -8.31 5.66 4.90
C23 9WP D . -7.56 4.85 5.96
C24 9WP D . -6.34 4.06 5.41
F1 9WP D . -12.18 -1.14 0.94
F2 9WP D . -12.56 0.82 1.71
F3 9WP D . -11.27 0.52 -0.03
H11 9WP D . -0.88 0.69 7.46
H17 9WP D . -6.85 -0.50 5.28
H14 9WP D . -0.84 5.01 6.25
H2 9WP D . -0.27 3.04 7.06
H51 9WP D . -4.44 3.62 3.59
H52 9WP D . -3.31 4.74 4.08
H12 9WP D . -10.06 2.22 1.91
H13 9WP D . -8.11 2.31 3.32
H15 9WP D . -8.38 -1.94 4.02
H16 9WP D . -10.34 -2.05 2.65
H54 9WP D . -5.76 -1.95 5.04
H18 9WP D . -5.35 -2.12 6.74
H53 9WP D . -4.21 -2.61 5.48
H19 9WP D . -4.09 6.59 4.72
H55 9WP D . -5.41 6.76 5.83
H20 9WP D . -6.10 5.82 3.07
H56 9WP D . -5.71 7.49 3.32
H21 9WP D . -8.13 7.21 3.43
H57 9WP D . -7.54 7.67 4.99
H58 9WP D . -9.24 6.04 5.33
H22 9WP D . -8.62 4.97 4.10
H59 9WP D . -7.25 5.48 6.80
H23 9WP D . -8.24 4.12 6.39
H24 9WP D . -6.20 3.21 6.07
H6A 9WP D . -6.62 3.66 4.44
C1 9WP E . 3.58 1.43 -6.85
N1 9WP E . 3.88 -4.02 -4.39
O1 9WP E . 6.85 2.38 -5.55
C2 9WP E . 4.73 2.13 -6.57
N2 9WP E . 7.91 -0.78 -4.95
O2 9WP E . 2.40 -0.67 -6.50
C3 9WP E . 5.74 1.60 -5.76
O3 9WP E . 5.13 -2.48 -3.32
C4 9WP E . 5.62 0.32 -5.17
C5 9WP E . 6.77 -0.13 -4.25
C6 9WP E . 2.64 -1.78 -5.76
C7 9WP E . 3.88 -1.75 -5.13
C8 9WP E . 4.45 -0.44 -5.45
C9 9WP E . 3.46 0.15 -6.30
C10 9WP E . 4.35 -2.77 -4.22
C11 9WP E . 4.61 -7.28 -1.84
C12 9WP E . 5.57 -6.26 -1.95
C13 9WP E . 5.35 -5.21 -2.82
C14 9WP E . 4.17 -5.13 -3.57
C15 9WP E . 3.23 -6.16 -3.49
C16 9WP E . 3.45 -7.24 -2.62
C17 9WP E . 4.84 -8.41 -0.83
C18 9WP E . 1.51 -2.78 -5.79
C19 9WP E . 9.17 -0.01 -4.74
C20 9WP E . 10.49 -0.76 -5.05
C21 9WP E . 11.02 -1.68 -3.92
C22 9WP E . 10.18 -2.93 -3.57
C23 9WP E . 8.66 -2.72 -3.43
C24 9WP E . 8.00 -2.24 -4.73
F1 9WP E . 3.77 -9.12 -0.41
F2 9WP E . 5.68 -9.30 -1.39
F3 9WP E . 5.40 -8.04 0.35
H11 9WP E . 2.80 1.84 -7.48
H17 9WP E . 3.19 -4.17 -5.11
H14 9WP E . 6.87 3.16 -6.12
H2 9WP E . 4.86 3.12 -7.00
H51 9WP E . 6.45 -0.68 -3.40
H52 9WP E . 7.13 0.79 -3.79
H12 9WP E . 6.51 -6.29 -1.43
H13 9WP E . 6.15 -4.48 -2.92
H15 9WP E . 2.32 -6.13 -4.06
H16 9WP E . 2.70 -8.00 -2.62
H54 9WP E . 1.12 -3.02 -4.80
H18 9WP E . 1.81 -3.72 -6.26
H53 9WP E . 0.65 -2.40 -6.35
H19 9WP E . 9.20 0.41 -3.74
H55 9WP E . 9.17 0.85 -5.42
H20 9WP E . 11.27 -0.03 -5.28
H56 9WP E . 10.35 -1.34 -5.96
H21 9WP E . 11.14 -1.09 -3.01
H57 9WP E . 12.03 -1.99 -4.19
H58 9WP E . 10.38 -3.69 -4.32
H22 9WP E . 10.56 -3.35 -2.63
H59 9WP E . 8.18 -3.63 -3.07
H23 9WP E . 8.49 -1.96 -2.67
H24 9WP E . 8.55 -2.67 -5.55
H6A 9WP E . 7.00 -2.66 -4.79
K K B . -1.47 -0.64 1.57
K K C . 0.24 -1.67 -1.16
C1 9WP D . -1.80 1.53 6.95
N1 9WP D . -7.00 0.30 4.25
O1 9WP D . -1.61 4.82 5.38
C2 9WP D . -1.38 2.81 6.59
N2 9WP D . -5.10 4.75 4.55
O2 9WP D . -3.49 -0.16 6.60
C3 9WP D . -2.10 3.57 5.65
O3 9WP D . -5.66 1.65 3.03
C4 9WP D . -3.26 3.08 5.03
C5 9WP D . -3.95 4.01 4.01
C6 9WP D . -4.58 -0.29 5.80
C7 9WP D . -4.81 0.88 5.04
C8 9WP D . -3.72 1.78 5.39
C9 9WP D . -2.96 1.06 6.35
C10 9WP D . -5.85 0.98 4.04
C11 9WP D . -10.22 0.04 1.57
C12 9WP D . -9.53 1.24 1.70
C13 9WP D . -8.48 1.35 2.60
C14 9WP D . -8.09 0.25 3.37
C15 9WP D . -8.81 -0.94 3.28
C16 9WP D . -9.86 -1.06 2.37
C17 9WP D . -11.34 -0.08 0.54
C18 9WP D . -5.26 -1.64 5.89
C19 9WP D . -4.71 6.11 4.96
C20 9WP D . -4.79 7.18 3.85
C21 9WP D . -6.17 7.83 3.61
C22 9WP D . -7.31 6.91 3.16
C23 9WP D . -7.49 5.61 3.96
C24 9WP D . -6.33 4.59 3.76
F1 9WP D . -11.98 -1.26 0.36
F2 9WP D . -12.33 0.79 0.84
F3 9WP D . -10.91 0.23 -0.72
H11 9WP D . -1.24 0.95 7.66
H17 9WP D . -7.04 -0.28 5.07
H14 9WP D . -0.83 5.04 5.89
H2 9WP D . -0.48 3.22 7.03
H51 9WP D . -4.20 3.51 3.10
H52 9WP D . -3.20 4.72 3.67
H12 9WP D . -9.79 2.10 1.10
H13 9WP D . -7.97 2.31 2.68
H15 9WP D . -8.51 -1.81 3.86
H16 9WP D . -10.35 -2.02 2.34
H54 9WP D . -6.05 -1.76 5.17
H18 9WP D . -5.68 -1.79 6.88
H53 9WP D . -4.56 -2.45 5.70
H19 9WP D . -3.71 6.11 5.41
H55 9WP D . -5.39 6.45 5.74
H20 9WP D . -4.47 6.73 2.90
H56 9WP D . -4.05 7.96 4.05
H21 9WP D . -6.06 8.63 2.87
H57 9WP D . -6.46 8.34 4.53
H58 9WP D . -8.25 7.48 3.19
H22 9WP D . -7.17 6.66 2.09
H59 9WP D . -7.63 5.82 5.01
H23 9WP D . -8.40 5.12 3.62
H24 9WP D . -6.75 3.61 3.98
H6A 9WP D . -6.07 4.58 2.70
C1 9WP E . 3.54 1.81 -6.99
N1 9WP E . 3.91 -3.67 -4.62
O1 9WP E . 6.76 2.82 -5.60
C2 9WP E . 4.68 2.54 -6.68
N2 9WP E . 7.89 -0.32 -5.01
O2 9WP E . 2.41 -0.31 -6.69
C3 9WP E . 5.68 2.02 -5.84
O3 9WP E . 5.12 -2.12 -3.49
C4 9WP E . 5.58 0.73 -5.28
C5 9WP E . 6.71 0.29 -4.35
C6 9WP E . 2.65 -1.44 -5.97
C7 9WP E . 3.89 -1.38 -5.31
C8 9WP E . 4.42 -0.06 -5.60
C9 9WP E . 3.45 0.53 -6.47
C10 9WP E . 4.36 -2.41 -4.41
C11 9WP E . 4.67 -6.95 -2.11
C12 9WP E . 5.60 -5.91 -2.18
C13 9WP E . 5.38 -4.84 -3.03
C14 9WP E . 4.22 -4.78 -3.81
C15 9WP E . 3.30 -5.84 -3.77
C16 9WP E . 3.52 -6.91 -2.91
C17 9WP E . 4.91 -8.09 -1.11
C18 9WP E . 1.54 -2.46 -6.04
C19 9WP E . 9.13 0.47 -4.79
C20 9WP E . 10.46 -0.25 -5.04
C21 9WP E . 10.98 -1.15 -3.90
C22 9WP E . 10.16 -2.43 -3.58
C23 9WP E . 8.62 -2.26 -3.51
C24 9WP E . 8.00 -1.77 -4.82
F1 9WP E . 3.83 -8.81 -0.70
F2 9WP E . 5.74 -8.97 -1.68
F3 9WP E . 5.46 -7.75 0.08
H11 9WP E . 2.77 2.22 -7.63
H17 9WP E . 3.24 -3.82 -5.35
H14 9WP E . 6.69 3.68 -6.02
H2 9WP E . 4.79 3.54 -7.08
H51 9WP E . 6.39 -0.28 -3.51
H52 9WP E . 7.04 1.21 -3.85
H12 9WP E . 6.54 -5.93 -1.64
H13 9WP E . 6.16 -4.10 -3.10
H15 9WP E . 2.40 -5.81 -4.36
H16 9WP E . 2.80 -7.71 -2.94
H54 9WP E . 1.23 -2.82 -5.06
H18 9WP E . 1.84 -3.32 -6.64
H53 9WP E . 0.65 -2.04 -6.49
H19 9WP E . 9.12 0.90 -3.78
H55 9WP E . 9.11 1.34 -5.45
H20 9WP E . 11.23 0.49 -5.25
H56 9WP E . 10.38 -0.83 -5.96
H21 9WP E . 11.05 -0.57 -2.98
H57 9WP E . 12.00 -1.45 -4.13
H58 9WP E . 10.41 -3.19 -4.32
H22 9WP E . 10.51 -2.84 -2.63
H59 9WP E . 8.15 -3.17 -3.16
H23 9WP E . 8.40 -1.51 -2.75
H24 9WP E . 8.60 -2.19 -5.63
H6A 9WP E . 7.01 -2.22 -4.92
K K B . -1.08 -0.97 1.62
K K C . 0.43 -1.92 -1.04
C1 9WP D . -1.56 1.00 6.72
N1 9WP D . -7.06 0.32 4.43
O1 9WP D . -1.24 4.33 5.28
C2 9WP D . -1.08 2.25 6.37
N2 9WP D . -4.79 4.55 4.75
O2 9WP D . -3.42 -0.54 6.44
C3 9WP D . -1.81 3.11 5.55
O3 9WP D . -5.71 1.61 3.15
C4 9WP D . -3.05 2.74 5.00
C5 9WP D . -3.74 3.77 4.09
C6 9WP D . -4.57 -0.55 5.72
C7 9WP D . -4.77 0.67 5.05
C8 9WP D . -3.58 1.46 5.34
C9 9WP D . -2.81 0.64 6.19
C10 9WP D . -5.87 0.91 4.14
C11 9WP D . -10.49 0.43 2.00
C12 9WP D . -9.69 1.58 2.12
C13 9WP D . -8.57 1.56 2.94
C14 9WP D . -8.21 0.40 3.63
C15 9WP D . -9.03 -0.74 3.55
C16 9WP D . -10.16 -0.72 2.72
C17 9WP D . -11.70 0.47 1.06
C18 9WP D . -5.34 -1.84 5.81
C19 9WP D . -4.26 5.84 5.26
C20 9WP D . -4.31 7.01 4.26
C21 9WP D . -5.64 7.79 4.18
C22 9WP D . -6.88 7.02 3.69
C23 9WP D . -7.12 5.65 4.36
C24 9WP D . -6.07 4.58 4.01
F1 9WP D . -12.44 -0.66 0.90
F2 9WP D . -12.58 1.39 1.50
F3 9WP D . -11.35 0.80 -0.20
H11 9WP D . -1.01 0.33 7.35
H17 9WP D . -7.08 -0.31 5.22
H14 9WP D . -0.43 4.49 5.77
H2 9WP D . -0.12 2.56 6.76
H51 9WP D . -4.09 3.34 3.17
H52 9WP D . -2.97 4.46 3.73
H12 9WP D . -9.94 2.49 1.60
H13 9WP D . -7.99 2.47 3.02
H15 9WP D . -8.77 -1.65 4.07
H16 9WP D . -10.74 -1.63 2.69
H54 9WP D . -6.20 -1.87 5.13
H18 9WP D . -5.73 -1.99 6.83
H53 9WP D . -4.73 -2.69 5.56
H19 9WP D . -3.26 5.71 5.66
H55 9WP D . -4.87 6.15 6.11
H20 9WP D . -4.08 6.64 3.27
H56 9WP D . -3.50 7.70 4.50
H21 9WP D . -5.50 8.65 3.52
H57 9WP D . -5.85 8.22 5.16
H58 9WP D . -7.75 7.65 3.84
H22 9WP D . -6.81 6.87 2.61
H59 9WP D . -7.21 5.76 5.45
H23 9WP D . -8.09 5.28 4.03
H24 9WP D . -6.56 3.61 4.15
H6A 9WP D . -5.85 4.66 2.95
C1 9WP E . 3.72 1.63 -6.89
N1 9WP E . 4.03 -3.91 -4.65
O1 9WP E . 7.00 2.53 -5.56
C2 9WP E . 4.88 2.33 -6.59
N2 9WP E . 8.06 -0.64 -5.07
O2 9WP E . 2.55 -0.47 -6.61
C3 9WP E . 5.88 1.76 -5.80
O3 9WP E . 5.28 -2.40 -3.51
C4 9WP E . 5.77 0.46 -5.26
C5 9WP E . 6.91 -0.02 -4.36
C6 9WP E . 2.77 -1.62 -5.92
C7 9WP E . 4.03 -1.61 -5.28
C8 9WP E . 4.59 -0.29 -5.57
C9 9WP E . 3.61 0.34 -6.39
C10 9WP E . 4.50 -2.66 -4.43
C11 9WP E . 4.75 -7.26 -2.22
C12 9WP E . 5.71 -6.24 -2.29
C13 9WP E . 5.50 -5.15 -3.12
C14 9WP E . 4.31 -5.04 -3.86
C15 9WP E . 3.38 -6.08 -3.83
C16 9WP E . 3.60 -7.18 -3.00
C17 9WP E . 4.99 -8.43 -1.26
C18 9WP E . 1.64 -2.60 -5.99
C19 9WP E . 9.32 0.13 -4.85
C20 9WP E . 10.64 -0.61 -5.18
C21 9WP E . 11.18 -1.56 -4.08
C22 9WP E . 10.35 -2.83 -3.76
C23 9WP E . 8.83 -2.64 -3.63
C24 9WP E . 8.15 -2.11 -4.91
F1 9WP E . 3.92 -9.17 -0.89
F2 9WP E . 5.84 -9.29 -1.85
F3 9WP E . 5.52 -8.10 -0.05
H11 9WP E . 2.95 2.08 -7.50
H17 9WP E . 3.32 -4.02 -5.37
H14 9WP E . 7.16 3.17 -6.25
H2 9WP E . 5.01 3.33 -6.97
H51 9WP E . 6.60 -0.61 -3.53
H52 9WP E . 7.27 0.87 -3.86
H12 9WP E . 6.66 -6.30 -1.77
H13 9WP E . 6.28 -4.43 -3.19
H15 9WP E . 2.46 -6.02 -4.40
H16 9WP E . 2.84 -7.96 -3.03
H54 9WP E . 1.31 -2.94 -5.00
H18 9WP E . 1.93 -3.49 -6.56
H53 9WP E . 0.77 -2.18 -6.46
H19 9WP E . 9.35 0.51 -3.83
H55 9WP E . 9.30 1.01 -5.49
H20 9WP E . 11.41 0.13 -5.40
H56 9WP E . 10.51 -1.17 -6.11
H21 9WP E . 11.30 -1.00 -3.16
H57 9WP E . 12.18 -1.86 -4.37
H58 9WP E . 10.55 -3.56 -4.54
H22 9WP E . 10.73 -3.28 -2.84
H59 9WP E . 8.34 -3.54 -3.28
H23 9WP E . 8.65 -1.89 -2.84
H24 9WP E . 8.72 -2.51 -5.74
H6A 9WP E . 7.16 -2.53 -4.98
K K B . -1.37 -0.86 1.69
K K C . 0.35 -1.86 -1.01
C1 9WP D . -1.49 1.21 6.96
N1 9WP D . -6.80 0.18 4.39
O1 9WP D . -1.40 4.63 5.69
C2 9WP D . -1.11 2.52 6.70
N2 9WP D . -4.83 4.71 5.04
O2 9WP D . -3.19 -0.46 6.53
C3 9WP D . -1.86 3.35 5.88
O3 9WP D . -5.52 1.65 3.24
C4 9WP D . -3.05 2.91 5.25
C5 9WP D . -3.79 3.92 4.36
C6 9WP D . -4.32 -0.53 5.76
C7 9WP D . -4.59 0.70 5.13
C8 9WP D . -3.48 1.57 5.50
C9 9WP D . -2.68 0.78 6.37
C10 9WP D . -5.66 0.89 4.18
C11 9WP D . -10.13 0.11 1.82
C12 9WP D . -9.44 1.31 2.03
C13 9WP D . -8.36 1.35 2.90
C14 9WP D . -7.93 0.19 3.55
C15 9WP D . -8.64 -1.00 3.37
C16 9WP D . -9.73 -1.04 2.50
C17 9WP D . -11.29 0.09 0.83
C18 9WP D . -4.98 -1.88 5.76
C19 9WP D . -5.14 5.94 4.27
C20 9WP D . -5.74 7.09 5.10
C21 9WP D . -7.26 7.06 5.33
C22 9WP D . -7.91 5.67 5.53
C23 9WP D . -7.08 4.66 6.32
C24 9WP D . -6.00 3.93 5.49
F1 9WP D . -11.92 -1.08 0.56
F2 9WP D . -12.27 0.91 1.26
F3 9WP D . -10.92 0.52 -0.40
H11 9WP D . -0.91 0.57 7.59
H17 9WP D . -6.81 -0.48 5.15
H14 9WP D . -0.66 4.85 6.26
H2 9WP D . -0.19 2.90 7.15
H51 9WP D . -4.14 3.49 3.44
H52 9WP D . -3.03 4.60 3.98
H12 9WP D . -9.74 2.23 1.53
H13 9WP D . -7.86 2.30 3.04
H15 9WP D . -8.32 -1.91 3.86
H16 9WP D . -10.22 -2.00 2.40
H54 9WP D . -5.78 -1.97 5.03
H18 9WP D . -5.40 -2.11 6.74
H53 9WP D . -4.28 -2.68 5.51
H19 9WP D . -5.78 5.70 3.43
H55 9WP D . -4.22 6.33 3.84
H20 9WP D . -5.49 8.04 4.62
H56 9WP D . -5.23 7.12 6.07
H21 9WP D . -7.75 7.55 4.49
H57 9WP D . -7.49 7.68 6.19
H58 9WP D . -8.87 5.82 6.02
H22 9WP D . -8.16 5.25 4.55
H59 9WP D . -6.65 5.11 7.20
H23 9WP D . -7.77 3.89 6.69
H24 9WP D . -5.65 3.11 6.11
H6A 9WP D . -6.47 3.49 4.61
C1 9WP E . 3.52 1.99 -6.62
N1 9WP E . 3.96 -3.64 -4.64
O1 9WP E . 6.90 2.82 -5.51
C2 9WP E . 4.71 2.67 -6.38
N2 9WP E . 7.88 -0.52 -5.22
O2 9WP E . 2.36 -0.12 -6.34
C3 9WP E . 5.76 2.07 -5.69
O3 9WP E . 5.31 -2.19 -3.54
C4 9WP E . 5.68 0.74 -5.20
C5 9WP E . 6.89 0.22 -4.41
C6 9WP E . 2.63 -1.29 -5.72
C7 9WP E . 3.93 -1.31 -5.19
C8 9WP E . 4.47 0.01 -5.45
C9 9WP E . 3.44 0.68 -6.17
C10 9WP E . 4.46 -2.41 -4.39
C11 9WP E . 4.85 -7.10 -2.42
C12 9WP E . 5.80 -6.09 -2.52
C13 9WP E . 5.54 -4.95 -3.29
C14 9WP E . 4.30 -4.82 -3.93
C15 9WP E . 3.37 -5.84 -3.86
C16 9WP E . 3.63 -6.98 -3.10
C17 9WP E . 5.16 -8.30 -1.53
C18 9WP E . 1.49 -2.28 -5.75
C19 9WP E . 9.07 0.30 -5.50
C20 9WP E . 10.09 0.39 -4.35
C21 9WP E . 10.92 -0.89 -4.09
C22 9WP E . 10.27 -2.05 -3.31
C23 9WP E . 8.72 -2.15 -3.38
C24 9WP E . 8.14 -1.90 -4.80
F1 9WP E . 4.19 -9.24 -1.33
F2 9WP E . 6.19 -8.99 -2.05
F3 9WP E . 5.50 -7.96 -0.26
H11 9WP E . 2.71 2.46 -7.14
H17 9WP E . 3.20 -3.73 -5.31
H14 9WP E . 6.97 3.53 -6.14
H2 9WP E . 4.80 3.68 -6.72
H51 9WP E . 6.62 -0.32 -3.52
H52 9WP E . 7.37 1.09 -3.98
H12 9WP E . 6.77 -6.15 -2.03
H13 9WP E . 6.32 -4.22 -3.38
H15 9WP E . 2.41 -5.75 -4.36
H16 9WP E . 2.86 -7.73 -3.08
H54 9WP E . 1.35 -2.79 -4.79
H18 9WP E . 1.65 -3.05 -6.50
H53 9WP E . 0.55 -1.80 -5.97
H19 9WP E . 8.77 1.31 -5.82
H55 9WP E . 9.60 -0.11 -6.35
H20 9WP E . 9.57 0.63 -3.42
H56 9WP E . 10.76 1.23 -4.52
H21 9WP E . 11.85 -0.61 -3.56
H57 9WP E . 11.27 -1.27 -5.06
H58 9WP E . 10.69 -2.99 -3.66
H22 9WP E . 10.55 -1.98 -2.26
H59 9WP E . 8.37 -3.10 -2.99
H23 9WP E . 8.31 -1.39 -2.72
H24 9WP E . 8.85 -2.34 -5.49
H6A 9WP E . 7.22 -2.48 -4.90
K K B . -1.35 -0.78 1.69
K K C . 0.40 -1.80 -1.05
C1 9WP D . -1.57 1.30 7.03
N1 9WP D . -6.90 0.19 4.55
O1 9WP D . -1.47 4.66 5.62
C2 9WP D . -1.19 2.60 6.72
N2 9WP D . -4.98 4.62 4.97
O2 9WP D . -3.29 -0.38 6.69
C3 9WP D . -1.94 3.40 5.87
O3 9WP D . -5.62 1.60 3.33
C4 9WP D . -3.13 2.94 5.27
C5 9WP D . -3.87 3.91 4.34
C6 9WP D . -4.41 -0.47 5.93
C7 9WP D . -4.68 0.73 5.25
C8 9WP D . -3.57 1.61 5.58
C9 9WP D . -2.76 0.85 6.47
C10 9WP D . -5.76 0.89 4.30
C11 9WP D . -10.24 0.04 2.00
C12 9WP D . -9.55 1.24 2.15
C13 9WP D . -8.47 1.32 3.01
C14 9WP D . -8.04 0.18 3.71
C15 9WP D . -8.74 -1.02 3.59
C16 9WP D . -9.84 -1.08 2.73
C17 9WP D . -11.41 -0.02 1.02
C18 9WP D . -5.08 -1.82 6.00
C19 9WP D . -4.57 5.97 5.42
C20 9WP D . -4.68 7.09 4.37
C21 9WP D . -6.06 7.77 4.22
C22 9WP D . -7.23 6.87 3.77
C23 9WP D . -7.39 5.53 4.51
C24 9WP D . -6.26 4.52 4.22
F1 9WP D . -12.06 -1.20 0.81
F2 9WP D . -12.38 0.83 1.41
F3 9WP D . -11.04 0.34 -0.23
H11 9WP D . -0.99 0.69 7.70
H17 9WP D . -6.91 -0.43 5.34
H14 9WP D . -0.69 4.88 6.13
H2 9WP D . -0.27 2.99 7.15
H51 9WP D . -4.17 3.45 3.41
H52 9WP D . -3.13 4.64 3.99
H12 9WP D . -9.84 2.13 1.62
H13 9WP D . -7.96 2.26 3.11
H15 9WP D . -8.43 -1.90 4.12
H16 9WP D . -10.34 -2.04 2.68
H54 9WP D . -5.88 -1.93 5.26
H18 9WP D . -5.51 -2.00 6.98
H53 9WP D . -4.38 -2.63 5.80
H19 9WP D . -3.56 5.93 5.85
H55 9WP D . -5.23 6.28 6.25
H20 9WP D . -4.39 6.68 3.40
H56 9WP D . -3.92 7.84 4.59
H21 9WP D . -5.97 8.60 3.52
H57 9WP D . -6.31 8.23 5.18
H58 9WP D . -8.15 7.45 3.87
H22 9WP D . -7.13 6.67 2.71
H59 9WP D . -7.49 5.70 5.59
H23 9WP D . -8.32 5.09 4.20
H24 9WP D . -6.69 3.53 4.41
H6A 9WP D . -6.03 4.55 3.16
C1 9WP E . 3.65 1.93 -6.70
N1 9WP E . 3.95 -3.67 -4.60
O1 9WP E . 6.87 2.83 -5.26
C2 9WP E . 4.79 2.64 -6.33
N2 9WP E . 7.94 -0.35 -4.83
O2 9WP E . 2.49 -0.19 -6.51
C3 9WP E . 5.78 2.06 -5.54
O3 9WP E . 5.17 -2.18 -3.39
C4 9WP E . 5.67 0.74 -5.04
C5 9WP E . 6.79 0.24 -4.12
C6 9WP E . 2.71 -1.35 -5.84
C7 9WP E . 3.95 -1.35 -5.17
C8 9WP E . 4.50 -0.01 -5.41
C9 9WP E . 3.54 0.62 -6.23
C10 9WP E . 4.41 -2.42 -4.33
C11 9WP E . 4.66 -7.08 -2.25
C12 9WP E . 5.61 -6.05 -2.27
C13 9WP E . 5.40 -4.93 -3.07
C14 9WP E . 4.24 -4.82 -3.85
C15 9WP E . 3.31 -5.86 -3.85
C16 9WP E . 3.52 -6.99 -3.06
C17 9WP E . 4.88 -8.27 -1.32
C18 9WP E . 1.60 -2.36 -5.97
C19 9WP E . 9.17 -0.22 -4.02
C20 9WP E . 10.41 -0.96 -4.55
C21 9WP E . 10.53 -2.45 -4.19
C22 9WP E . 9.45 -3.40 -4.75
C23 9WP E . 8.00 -2.92 -4.63
C24 9WP E . 7.67 -1.67 -5.45
F1 9WP E . 3.79 -8.99 -0.95
F2 9WP E . 5.70 -9.13 -1.94
F3 9WP E . 5.43 -7.99 -0.10
H11 9WP E . 2.88 2.38 -7.31
H17 9WP E . 3.28 -3.76 -5.34
H14 9WP E . 6.90 3.65 -5.75
H2 9WP E . 4.91 3.65 -6.70
H51 9WP E . 6.46 -0.36 -3.31
H52 9WP E . 7.16 1.13 -3.61
H12 9WP E . 6.54 -6.10 -1.73
H13 9WP E . 6.17 -4.20 -3.08
H15 9WP E . 2.41 -5.80 -4.45
H16 9WP E . 2.78 -7.77 -3.13
H54 9WP E . 1.26 -2.74 -5.00
H18 9WP E . 1.90 -3.20 -6.58
H53 9WP E . 0.72 -1.92 -6.43
H19 9WP E . 8.97 -0.49 -2.99
H55 9WP E . 9.45 0.85 -3.99
H20 9WP E . 11.31 -0.45 -4.18
H56 9WP E . 10.46 -0.84 -5.64
H21 9WP E . 10.53 -2.55 -3.10
H57 9WP E . 11.52 -2.80 -4.51
H58 9WP E . 9.68 -3.59 -5.81
H22 9WP E . 9.54 -4.37 -4.27
H59 9WP E . 7.30 -3.73 -4.88
H23 9WP E . 7.81 -2.69 -3.58
H24 9WP E . 8.26 -1.73 -6.36
H6A 9WP E . 6.63 -1.70 -5.76
K K B . -1.09 -0.81 1.48
K K C . 0.54 -1.83 -1.14
C1 9WP D . -1.67 1.39 6.81
N1 9WP D . -6.94 0.27 4.23
O1 9WP D . -1.39 4.62 5.14
C2 9WP D . -1.21 2.64 6.41
N2 9WP D . -4.76 4.79 4.41
O2 9WP D . -3.42 -0.25 6.54
C3 9WP D . -1.91 3.40 5.47
O3 9WP D . -5.57 1.54 2.94
C4 9WP D . -3.10 2.93 4.87
C5 9WP D . -3.77 3.85 3.83
C6 9WP D . -4.53 -0.36 5.75
C7 9WP D . -4.73 0.79 4.96
C8 9WP D . -3.60 1.66 5.27
C9 9WP D . -2.86 0.94 6.23
C10 9WP D . -5.77 0.90 3.98
C11 9WP D . -10.21 0.03 1.58
C12 9WP D . -9.47 1.22 1.66
C13 9WP D . -8.41 1.32 2.55
C14 9WP D . -8.05 0.23 3.35
C15 9WP D . -8.80 -0.95 3.30
C16 9WP D . -9.87 -1.04 2.41
C17 9WP D . -11.35 -0.06 0.57
C18 9WP D . -5.26 -1.68 5.89
C19 9WP D . -4.67 6.14 3.82
C20 9WP D . -5.57 6.38 2.58
C21 9WP D . -7.03 6.80 2.87
C22 9WP D . -7.91 5.80 3.64
C23 9WP D . -7.29 5.16 4.89
C24 9WP D . -6.11 4.21 4.59
F1 9WP D . -12.02 -1.23 0.43
F2 9WP D . -12.29 0.85 0.86
F3 9WP D . -10.92 0.19 -0.70
H11 9WP D . -1.12 0.81 7.54
H17 9WP D . -7.01 -0.29 5.06
H14 9WP D . -0.57 4.81 5.60
H2 9WP D . -0.30 3.03 6.83
H51 9WP D . -4.15 3.33 2.98
H52 9WP D . -2.96 4.43 3.38
H12 9WP D . -9.72 2.08 1.06
H13 9WP D . -7.87 2.26 2.60
H15 9WP D . -8.54 -1.80 3.90
H16 9WP D . -10.40 -1.98 2.41
H54 9WP D . -6.08 -1.80 5.20
H18 9WP D . -5.64 -1.81 6.91
H53 9WP D . -4.59 -2.52 5.69
H19 9WP D . -3.64 6.41 3.60
H55 9WP D . -5.00 6.87 4.56
H20 9WP D . -5.60 5.48 1.99
H56 9WP D . -5.09 7.13 1.95
H21 9WP D . -7.53 7.03 1.93
H57 9WP D . -7.00 7.74 3.42
H58 9WP D . -8.84 6.31 3.93
H22 9WP D . -8.22 5.01 2.96
H59 9WP D . -6.98 5.93 5.61
H23 9WP D . -8.06 4.58 5.40
H24 9WP D . -6.08 3.49 5.41
H6A 9WP D . -6.36 3.64 3.69
C1 9WP E . 3.94 1.73 -7.03
N1 9WP E . 4.20 -3.83 -4.82
O1 9WP E . 7.24 2.58 -5.75
C2 9WP E . 5.10 2.40 -6.73
N2 9WP E . 8.27 -0.64 -5.27
O2 9WP E . 2.74 -0.36 -6.74
C3 9WP E . 6.11 1.82 -5.97
O3 9WP E . 5.50 -2.36 -3.70
C4 9WP E . 6.00 0.53 -5.43
C5 9WP E . 7.15 0.02 -4.56
C6 9WP E . 2.97 -1.52 -6.06
C7 9WP E . 4.23 -1.53 -5.45
C8 9WP E . 4.80 -0.21 -5.73
C9 9WP E . 3.82 0.44 -6.53
C10 9WP E . 4.71 -2.60 -4.60
C11 9WP E . 4.96 -7.22 -2.44
C12 9WP E . 5.91 -6.21 -2.52
C13 9WP E . 5.70 -5.11 -3.34
C14 9WP E . 4.51 -4.98 -4.06
C15 9WP E . 3.56 -6.00 -4.01
C16 9WP E . 3.77 -7.11 -3.19
C17 9WP E . 5.19 -8.39 -1.49
C18 9WP E . 1.82 -2.50 -6.11
C19 9WP E . 9.31 -1.05 -4.31
C20 9WP E . 9.10 -2.43 -3.66
C21 9WP E . 9.62 -3.65 -4.44
C22 9WP E . 9.02 -3.89 -5.85
C23 9WP E . 8.93 -2.67 -6.77
C24 9WP E . 7.89 -1.62 -6.32
F1 9WP E . 4.19 -9.30 -1.29
F2 9WP E . 6.23 -9.12 -1.94
F3 9WP E . 5.49 -8.00 -0.22
H11 9WP E . 3.15 2.18 -7.61
H17 9WP E . 3.50 -3.93 -5.54
H14 9WP E . 7.26 3.38 -6.27
H2 9WP E . 5.24 3.41 -7.11
H51 9WP E . 6.84 -0.54 -3.71
H52 9WP E . 7.56 0.91 -4.08
H12 9WP E . 6.85 -6.28 -1.99
H13 9WP E . 6.49 -4.39 -3.41
H15 9WP E . 2.63 -5.93 -4.56
H16 9WP E . 2.99 -7.85 -3.19
H54 9WP E . 1.62 -2.97 -5.15
H18 9WP E . 2.02 -3.29 -6.84
H53 9WP E . 0.89 -2.01 -6.41
H19 9WP E . 9.45 -0.28 -3.55
H55 9WP E . 10.27 -1.12 -4.84
H20 9WP E . 8.03 -2.57 -3.50
H56 9WP E . 9.54 -2.41 -2.66
H21 9WP E . 9.47 -4.54 -3.84
H57 9WP E . 10.70 -3.54 -4.54
H58 9WP E . 9.61 -4.68 -6.33
H22 9WP E . 8.03 -4.33 -5.73
H59 9WP E . 9.91 -2.22 -6.91
H23 9WP E . 8.62 -3.03 -7.77
H24 9WP E . 7.61 -1.07 -7.22
H6A 9WP E . 6.99 -2.15 -6.00
K K B . -1.12 -1.06 1.42
K K C . 0.43 -1.97 -1.08
C1 9WP D . -1.50 1.35 6.67
N1 9WP D . -6.92 0.55 4.27
O1 9WP D . -1.21 4.69 5.23
C2 9WP D . -1.04 2.61 6.34
N2 9WP D . -4.60 4.99 4.67
O2 9WP D . -3.31 -0.23 6.37
C3 9WP D . -1.75 3.45 5.49
O3 9WP D . -5.57 1.87 3.02
C4 9WP D . -2.98 3.06 4.91
C5 9WP D . -3.67 4.07 3.98
C6 9WP D . -4.44 -0.27 5.63
C7 9WP D . -4.66 0.94 4.94
C8 9WP D . -3.49 1.76 5.25
C9 9WP D . -2.72 0.97 6.13
C10 9WP D . -5.74 1.16 4.01
C11 9WP D . -10.31 0.58 1.78
C12 9WP D . -9.53 1.73 1.91
C13 9WP D . -8.43 1.75 2.75
C14 9WP D . -8.06 0.59 3.45
C15 9WP D . -8.85 -0.56 3.36
C16 9WP D . -9.96 -0.57 2.51
C17 9WP D . -11.49 0.57 0.82
C18 9WP D . -5.20 -1.57 5.72
C19 9WP D . -4.02 6.34 4.81
C20 9WP D . -4.69 7.22 5.89
C21 9WP D . -5.71 6.53 6.81
C22 9WP D . -7.08 6.17 6.21
C23 9WP D . -7.11 4.96 5.27
C24 9WP D . -5.99 4.96 4.20
F1 9WP D . -12.20 -0.56 0.62
F2 9WP D . -12.40 1.49 1.22
F3 9WP D . -11.12 0.92 -0.45
H11 9WP D . -0.94 0.70 7.33
H17 9WP D . -6.95 -0.08 5.07
H14 9WP D . -0.37 4.83 5.67
H2 9WP D . -0.08 2.94 6.74
H51 9WP D . -4.10 3.62 3.11
H52 9WP D . -2.86 4.65 3.53
H12 9WP D . -9.79 2.64 1.37
H13 9WP D . -7.87 2.67 2.83
H15 9WP D . -8.58 -1.46 3.88
H16 9WP D . -10.52 -1.49 2.47
H54 9WP D . -6.04 -1.63 5.01
H18 9WP D . -5.60 -1.73 6.71
H53 9WP D . -4.56 -2.42 5.48
H19 9WP D . -4.01 6.85 3.85
H55 9WP D . -2.98 6.25 5.11
H20 9WP D . -5.20 8.04 5.40
H56 9WP D . -3.91 7.68 6.49
H21 9WP D . -5.87 7.14 7.70
H57 9WP D . -5.24 5.61 7.19
H58 9WP D . -7.78 6.01 7.03
H22 9WP D . -7.46 7.05 5.67
H59 9WP D . -7.10 4.03 5.84
H23 9WP D . -8.07 4.97 4.74
H24 9WP D . -6.14 4.06 3.60
H6A 9WP D . -6.16 5.80 3.53
C1 9WP E . 3.74 1.50 -6.76
N1 9WP E . 4.10 -4.03 -4.49
O1 9WP E . 6.99 2.45 -5.40
C2 9WP E . 4.89 2.21 -6.44
N2 9WP E . 8.07 -0.74 -4.88
O2 9WP E . 2.59 -0.61 -6.48
C3 9WP E . 5.89 1.67 -5.64
O3 9WP E . 5.32 -2.52 -3.35
C4 9WP E . 5.78 0.36 -5.10
C5 9WP E . 6.93 -0.11 -4.20
C6 9WP E . 2.83 -1.76 -5.78
C7 9WP E . 4.08 -1.74 -5.14
C8 9WP E . 4.62 -0.41 -5.41
C9 9WP E . 3.64 0.20 -6.25
C10 9WP E . 4.56 -2.78 -4.27
C11 9WP E . 4.86 -7.38 -2.06
C12 9WP E . 5.80 -6.34 -2.12
C13 9WP E . 5.58 -5.25 -2.95
C14 9WP E . 4.40 -5.16 -3.71
C15 9WP E . 3.47 -6.21 -3.67
C16 9WP E . 3.70 -7.31 -2.84
C17 9WP E . 5.10 -8.53 -1.09
C18 9WP E . 1.70 -2.77 -5.85
C19 9WP E . 9.19 -0.93 -3.94
C20 9WP E . 9.17 -2.24 -3.13
C21 9WP E . 9.31 -3.57 -3.92
C22 9WP E . 9.77 -3.51 -5.40
C23 9WP E . 8.89 -2.70 -6.39
C24 9WP E . 7.73 -1.89 -5.75
F1 9WP E . 4.04 -9.27 -0.70
F2 9WP E . 5.96 -9.39 -1.68
F3 9WP E . 5.64 -8.20 0.12
H11 9WP E . 2.96 1.93 -7.36
H17 9WP E . 3.40 -4.16 -5.22
H14 9WP E . 7.10 3.14 -6.05
H2 9WP E . 5.00 3.21 -6.82
H51 9WP E . 6.62 -0.67 -3.34
H52 9WP E . 7.31 0.80 -3.72
H12 9WP E . 6.75 -6.38 -1.60
H13 9WP E . 6.35 -4.51 -3.02
H15 9WP E . 2.56 -6.16 -4.25
H16 9WP E . 2.96 -8.09 -2.87
H54 9WP E . 1.40 -3.14 -4.87
H18 9WP E . 2.00 -3.63 -6.45
H53 9WP E . 0.81 -2.34 -6.30
H19 9WP E . 9.27 -0.07 -3.28
H55 9WP E . 10.13 -0.94 -4.51
H20 9WP E . 8.24 -2.29 -2.57
H56 9WP E . 9.95 -2.19 -2.37
H21 9WP E . 8.35 -4.10 -3.89
H57 9WP E . 10.00 -4.21 -3.36
H58 9WP E . 10.78 -3.08 -5.41
H22 9WP E . 9.88 -4.52 -5.78
H59 9WP E . 9.51 -2.05 -7.01
H23 9WP E . 8.43 -3.40 -7.08
H24 9WP E . 7.12 -1.52 -6.58
H6A 9WP E . 7.11 -2.57 -5.20
#